data_5WZK
#
_entry.id   5WZK
#
_cell.length_a   189.060
_cell.length_b   189.060
_cell.length_c   45.456
_cell.angle_alpha   90.000
_cell.angle_beta   90.000
_cell.angle_gamma   120.000
#
_symmetry.space_group_name_H-M   'P 65'
#
loop_
_entity.id
_entity.type
_entity.pdbx_description
1 polymer 'Pumilio homolog 23'
2 polymer "RNA (5'-R(*GP*GP*AP*AP*UP*UP*GP*AP*CP*GP*G)-3')"
3 water water
#
loop_
_entity_poly.entity_id
_entity_poly.type
_entity_poly.pdbx_seq_one_letter_code
_entity_poly.pdbx_strand_id
1 'polypeptide(L)'
;MGHHHHHHMRKEIDPETSKYFSEIANLFDSNEVELEERSVICGNALEETRGREYEIATDYIISHVLQTLLEGCELDQLCS
FIRNSASVFPAIAMDRSGSHVAESALKSLATHLENPDAYSVIEEALHSICKVIVDNPLDMMCNCYGSHVLRRLLCLCKGV
PHQGFPGMLTYLLSGLLSCSREDMKYLQVDQYSSLVLQTALRLMLKQDEQLLEIIPLILRCNSTNKKVEGFHIETNVAKE
ILESMKDNSFSHLVEVILEVAPESLYNEMFNKVFKNSLFELSVDRCANFVIQALISHARDQEQMGIMWEELAPRFKDLLE
QGKSGVVASLIAVSQRLQSHENKCCEALVGAVCSTNESRISILPRLLFLDYYFGCRDKSTWEWAPGAKMHVMGCLILQGI
FKFSSDHIQPYITSLTSMKAEYITETAKDSSGARVIEAFLASDAATKQKRRLIIKLRGHFGELSLHTSGSFTVEKCFDAC
NLTLREAIASELLDVKVDLSKTKQGPYLLRKLDIDGYASRPDQWKSRQEAKQSTYNEFCSAFGSNK
;
A
2 'polyribonucleotide' GGAAUUGACGG B
#
# COMPACT_ATOMS: atom_id res chain seq x y z
N ILE A 13 -37.16 20.92 4.67
CA ILE A 13 -38.23 20.08 4.17
C ILE A 13 -39.36 19.85 5.20
N ASP A 14 -40.58 19.64 4.72
CA ASP A 14 -41.75 19.67 5.59
C ASP A 14 -41.84 18.41 6.45
N PRO A 15 -42.62 18.46 7.53
CA PRO A 15 -42.79 17.27 8.38
C PRO A 15 -43.39 16.08 7.65
N GLU A 16 -44.35 16.29 6.75
CA GLU A 16 -44.91 15.18 6.01
C GLU A 16 -43.81 14.35 5.36
N THR A 17 -42.81 15.03 4.80
CA THR A 17 -41.74 14.33 4.10
C THR A 17 -40.76 13.67 5.07
N SER A 18 -40.37 14.39 6.13
CA SER A 18 -39.48 13.79 7.11
C SER A 18 -40.16 12.59 7.78
N LYS A 19 -41.40 12.77 8.26
CA LYS A 19 -42.09 11.65 8.88
C LYS A 19 -42.14 10.45 7.94
N TYR A 20 -42.42 10.71 6.66
CA TYR A 20 -42.52 9.63 5.69
C TYR A 20 -41.24 8.81 5.61
N PHE A 21 -40.07 9.47 5.49
CA PHE A 21 -38.82 8.73 5.34
C PHE A 21 -38.38 8.10 6.65
N SER A 22 -38.70 8.75 7.78
CA SER A 22 -38.49 8.11 9.08
C SER A 22 -39.31 6.84 9.21
N GLU A 23 -40.59 6.91 8.83
CA GLU A 23 -41.47 5.74 8.96
C GLU A 23 -40.99 4.58 8.09
N ILE A 24 -40.46 4.88 6.90
CA ILE A 24 -39.92 3.82 6.04
C ILE A 24 -38.69 3.18 6.69
N ALA A 25 -37.86 4.00 7.34
CA ALA A 25 -36.68 3.46 8.01
C ALA A 25 -37.08 2.54 9.16
N ASN A 26 -38.08 2.94 9.95
CA ASN A 26 -38.54 2.07 11.03
C ASN A 26 -39.08 0.75 10.48
N LEU A 27 -39.80 0.81 9.36
CA LEU A 27 -40.30 -0.41 8.73
C LEU A 27 -39.16 -1.34 8.35
N PHE A 28 -38.00 -0.82 7.98
CA PHE A 28 -36.89 -1.72 7.69
C PHE A 28 -36.17 -2.16 8.95
N ASP A 29 -36.05 -1.27 9.96
CA ASP A 29 -35.50 -1.68 11.25
C ASP A 29 -36.17 -2.95 11.75
N SER A 30 -37.50 -2.89 11.92
CA SER A 30 -38.31 -4.07 12.20
C SER A 30 -38.26 -5.04 11.04
N ASN A 31 -37.29 -5.96 11.05
CA ASN A 31 -37.08 -6.87 9.94
C ASN A 31 -38.25 -7.84 9.79
N GLU A 32 -39.45 -7.28 9.63
CA GLU A 32 -40.66 -8.06 9.36
C GLU A 32 -41.04 -8.02 7.87
N VAL A 33 -40.06 -7.75 7.00
CA VAL A 33 -40.29 -7.50 5.58
C VAL A 33 -39.23 -8.25 4.77
N GLU A 34 -39.67 -9.03 3.79
CA GLU A 34 -38.78 -9.93 3.06
C GLU A 34 -37.93 -9.10 2.09
N LEU A 35 -37.15 -9.79 1.24
CA LEU A 35 -36.26 -9.07 0.32
C LEU A 35 -37.03 -8.54 -0.89
N GLU A 36 -37.93 -9.31 -1.48
CA GLU A 36 -38.63 -8.82 -2.66
C GLU A 36 -39.54 -7.64 -2.32
N GLU A 37 -40.14 -7.65 -1.12
CA GLU A 37 -40.96 -6.51 -0.72
C GLU A 37 -40.10 -5.28 -0.45
N ARG A 38 -38.96 -5.46 0.23
CA ARG A 38 -38.03 -4.39 0.53
C ARG A 38 -37.67 -3.58 -0.71
N SER A 39 -37.32 -4.28 -1.79
CA SER A 39 -36.84 -3.59 -2.99
C SER A 39 -37.97 -2.83 -3.69
N VAL A 40 -39.21 -3.30 -3.56
CA VAL A 40 -40.32 -2.53 -4.12
C VAL A 40 -40.60 -1.28 -3.29
N ILE A 41 -40.53 -1.41 -1.96
CA ILE A 41 -40.74 -0.25 -1.10
C ILE A 41 -39.64 0.79 -1.30
N CYS A 42 -38.38 0.34 -1.35
CA CYS A 42 -37.30 1.26 -1.69
C CYS A 42 -37.60 2.01 -2.99
N GLY A 43 -38.00 1.28 -4.03
CA GLY A 43 -38.34 1.92 -5.28
C GLY A 43 -39.49 2.89 -5.14
N ASN A 44 -40.52 2.53 -4.39
CA ASN A 44 -41.66 3.43 -4.27
C ASN A 44 -41.30 4.68 -3.50
N ALA A 45 -40.37 4.56 -2.56
CA ALA A 45 -39.96 5.72 -1.79
C ALA A 45 -39.13 6.69 -2.62
N LEU A 46 -38.23 6.16 -3.45
CA LEU A 46 -37.40 7.03 -4.29
C LEU A 46 -38.26 8.01 -5.07
N GLU A 47 -39.41 7.57 -5.59
CA GLU A 47 -40.33 8.48 -6.28
C GLU A 47 -40.66 9.70 -5.44
N GLU A 48 -40.81 9.53 -4.13
CA GLU A 48 -41.11 10.66 -3.27
C GLU A 48 -40.01 11.72 -3.25
N THR A 49 -38.88 11.47 -3.93
CA THR A 49 -37.79 12.44 -4.02
C THR A 49 -37.80 13.22 -5.32
N ARG A 50 -38.66 12.87 -6.28
CA ARG A 50 -38.69 13.57 -7.56
C ARG A 50 -38.90 15.06 -7.36
N GLY A 51 -37.95 15.86 -7.87
CA GLY A 51 -38.03 17.29 -7.79
C GLY A 51 -37.55 17.91 -6.51
N ARG A 52 -37.11 17.12 -5.54
CA ARG A 52 -36.43 17.68 -4.39
C ARG A 52 -35.27 16.78 -4.00
N GLU A 53 -34.56 16.28 -5.01
CA GLU A 53 -33.42 15.42 -4.76
C GLU A 53 -32.35 16.14 -3.96
N TYR A 54 -32.11 17.42 -4.25
CA TYR A 54 -31.07 18.13 -3.52
C TYR A 54 -31.48 18.28 -2.06
N GLU A 55 -32.72 18.68 -1.81
CA GLU A 55 -33.17 18.91 -0.43
C GLU A 55 -33.08 17.63 0.39
N ILE A 56 -33.47 16.50 -0.20
CA ILE A 56 -33.56 15.29 0.60
C ILE A 56 -32.18 14.67 0.77
N ALA A 57 -31.39 14.59 -0.31
CA ALA A 57 -30.08 13.98 -0.21
C ALA A 57 -29.13 14.76 0.71
N THR A 58 -29.37 16.03 0.96
CA THR A 58 -28.46 16.82 1.78
C THR A 58 -28.96 17.06 3.19
N ASP A 59 -30.18 16.64 3.50
CA ASP A 59 -30.66 16.72 4.87
C ASP A 59 -29.82 15.82 5.78
N TYR A 60 -29.38 16.37 6.92
CA TYR A 60 -28.41 15.64 7.75
C TYR A 60 -28.97 14.33 8.29
N ILE A 61 -30.29 14.21 8.40
CA ILE A 61 -30.95 13.01 8.92
C ILE A 61 -31.45 12.13 7.76
N ILE A 62 -32.28 12.69 6.88
CA ILE A 62 -32.92 11.88 5.85
C ILE A 62 -31.91 11.29 4.87
N SER A 63 -30.77 11.95 4.68
CA SER A 63 -29.77 11.41 3.76
C SER A 63 -29.47 9.95 4.07
N HIS A 64 -29.39 9.59 5.35
CA HIS A 64 -29.06 8.21 5.72
C HIS A 64 -30.13 7.24 5.25
N VAL A 65 -31.41 7.63 5.34
CA VAL A 65 -32.49 6.81 4.81
C VAL A 65 -32.35 6.67 3.30
N LEU A 66 -32.08 7.78 2.61
CA LEU A 66 -31.97 7.73 1.16
C LEU A 66 -30.86 6.79 0.73
N GLN A 67 -29.76 6.72 1.50
CA GLN A 67 -28.74 5.71 1.25
C GLN A 67 -29.35 4.32 1.26
N THR A 68 -30.05 3.99 2.35
CA THR A 68 -30.72 2.70 2.47
C THR A 68 -31.62 2.43 1.26
N LEU A 69 -32.40 3.42 0.83
CA LEU A 69 -33.25 3.25 -0.34
C LEU A 69 -32.43 2.88 -1.56
N LEU A 70 -31.33 3.58 -1.77
CA LEU A 70 -30.58 3.39 -3.02
C LEU A 70 -29.91 2.02 -3.05
N GLU A 71 -29.40 1.56 -1.91
CA GLU A 71 -28.75 0.26 -1.83
C GLU A 71 -29.73 -0.89 -1.74
N GLY A 72 -31.03 -0.64 -1.89
CA GLY A 72 -32.01 -1.68 -1.73
C GLY A 72 -33.01 -1.78 -2.86
N CYS A 73 -32.93 -0.85 -3.81
CA CYS A 73 -33.93 -0.78 -4.86
C CYS A 73 -33.51 -1.61 -6.07
N GLU A 74 -34.37 -1.65 -7.08
CA GLU A 74 -34.06 -2.34 -8.32
C GLU A 74 -33.49 -1.37 -9.34
N LEU A 75 -32.58 -1.88 -10.19
CA LEU A 75 -31.87 -1.10 -11.20
C LEU A 75 -32.73 -0.06 -11.92
N ASP A 76 -33.93 -0.42 -12.33
CA ASP A 76 -34.71 0.53 -13.13
C ASP A 76 -35.10 1.77 -12.33
N GLN A 77 -35.19 1.66 -11.00
CA GLN A 77 -35.50 2.82 -10.17
C GLN A 77 -34.24 3.59 -9.81
N LEU A 78 -33.19 2.87 -9.44
CA LEU A 78 -31.88 3.47 -9.24
C LEU A 78 -31.53 4.38 -10.42
N CYS A 79 -31.70 3.88 -11.63
CA CYS A 79 -31.38 4.67 -12.81
C CYS A 79 -32.31 5.84 -12.95
N SER A 80 -33.56 5.69 -12.51
N SER A 80 -33.56 5.69 -12.51
CA SER A 80 -34.46 6.83 -12.57
CA SER A 80 -34.47 6.82 -12.56
C SER A 80 -34.05 7.90 -11.58
C SER A 80 -34.02 7.91 -11.59
N PHE A 81 -33.52 7.50 -10.42
CA PHE A 81 -33.07 8.48 -9.44
C PHE A 81 -31.84 9.23 -9.95
N ILE A 82 -30.88 8.49 -10.50
CA ILE A 82 -29.71 9.11 -11.12
C ILE A 82 -30.13 10.03 -12.25
N ARG A 83 -31.05 9.58 -13.10
CA ARG A 83 -31.50 10.41 -14.22
C ARG A 83 -32.17 11.68 -13.72
N ASN A 84 -32.91 11.62 -12.63
CA ASN A 84 -33.67 12.79 -12.22
C ASN A 84 -32.83 13.75 -11.40
N SER A 85 -31.82 13.25 -10.71
CA SER A 85 -30.95 14.07 -9.87
C SER A 85 -29.73 14.60 -10.61
N ALA A 86 -29.53 14.22 -11.87
CA ALA A 86 -28.27 14.51 -12.54
C ALA A 86 -27.98 16.01 -12.61
N SER A 87 -28.99 16.85 -12.85
CA SER A 87 -28.70 18.28 -12.98
C SER A 87 -28.29 18.93 -11.66
N VAL A 88 -28.41 18.20 -10.55
CA VAL A 88 -27.99 18.67 -9.24
C VAL A 88 -26.99 17.73 -8.60
N PHE A 89 -26.52 16.74 -9.35
CA PHE A 89 -25.62 15.76 -8.79
C PHE A 89 -24.31 16.37 -8.28
N PRO A 90 -23.65 17.31 -8.98
CA PRO A 90 -22.44 17.89 -8.38
C PRO A 90 -22.72 18.56 -7.05
N ALA A 91 -23.87 19.22 -6.92
CA ALA A 91 -24.19 19.88 -5.66
C ALA A 91 -24.42 18.86 -4.56
N ILE A 92 -25.11 17.76 -4.87
CA ILE A 92 -25.23 16.67 -3.91
C ILE A 92 -23.86 16.14 -3.52
N ALA A 93 -23.01 15.88 -4.51
CA ALA A 93 -21.75 15.21 -4.24
C ALA A 93 -20.80 16.07 -3.41
N MET A 94 -20.96 17.39 -3.45
CA MET A 94 -20.06 18.27 -2.69
C MET A 94 -20.58 18.59 -1.30
N ASP A 95 -21.70 18.00 -0.91
CA ASP A 95 -22.29 18.23 0.40
C ASP A 95 -21.85 17.15 1.37
N ARG A 96 -21.61 17.56 2.61
CA ARG A 96 -21.04 16.61 3.56
C ARG A 96 -21.96 15.44 3.85
N SER A 97 -23.26 15.58 3.64
CA SER A 97 -24.17 14.45 3.73
C SER A 97 -24.54 13.89 2.37
N GLY A 98 -24.83 14.75 1.39
CA GLY A 98 -25.17 14.28 0.06
C GLY A 98 -24.11 13.40 -0.57
N SER A 99 -22.83 13.65 -0.26
CA SER A 99 -21.76 12.87 -0.88
C SER A 99 -21.91 11.37 -0.62
N HIS A 100 -22.51 10.99 0.51
CA HIS A 100 -22.73 9.58 0.75
C HIS A 100 -23.97 9.07 0.04
N VAL A 101 -24.97 9.93 -0.15
CA VAL A 101 -26.08 9.58 -1.02
C VAL A 101 -25.58 9.36 -2.43
N ALA A 102 -24.68 10.23 -2.90
CA ALA A 102 -24.14 10.06 -4.24
C ALA A 102 -23.31 8.78 -4.35
N GLU A 103 -22.49 8.49 -3.35
CA GLU A 103 -21.70 7.28 -3.40
C GLU A 103 -22.57 6.03 -3.22
N SER A 104 -23.65 6.14 -2.45
CA SER A 104 -24.54 4.99 -2.34
C SER A 104 -25.17 4.66 -3.69
N ALA A 105 -25.45 5.70 -4.50
CA ALA A 105 -25.95 5.45 -5.84
C ALA A 105 -24.92 4.71 -6.67
N LEU A 106 -23.65 5.12 -6.57
CA LEU A 106 -22.61 4.46 -7.34
C LEU A 106 -22.39 3.02 -6.85
N LYS A 107 -22.29 2.82 -5.53
CA LYS A 107 -22.17 1.45 -5.00
C LYS A 107 -23.32 0.58 -5.47
N SER A 108 -24.50 1.16 -5.61
CA SER A 108 -25.67 0.40 -6.03
C SER A 108 -25.50 -0.09 -7.46
N LEU A 109 -25.28 0.83 -8.41
CA LEU A 109 -24.95 0.43 -9.77
C LEU A 109 -23.87 -0.63 -9.78
N ALA A 110 -22.81 -0.44 -8.99
CA ALA A 110 -21.70 -1.39 -9.00
C ALA A 110 -22.17 -2.82 -8.70
N THR A 111 -23.29 -2.98 -7.98
CA THR A 111 -23.75 -4.34 -7.68
C THR A 111 -24.34 -5.05 -8.89
N HIS A 112 -24.66 -4.31 -9.97
CA HIS A 112 -25.15 -4.92 -11.21
C HIS A 112 -24.08 -5.05 -12.30
N LEU A 113 -22.81 -4.78 -11.99
CA LEU A 113 -21.76 -4.91 -13.01
C LEU A 113 -21.65 -6.35 -13.51
N GLU A 114 -21.62 -7.32 -12.58
CA GLU A 114 -21.50 -8.71 -13.02
C GLU A 114 -22.78 -9.24 -13.69
N ASN A 115 -23.84 -8.43 -13.84
CA ASN A 115 -24.99 -8.82 -14.65
C ASN A 115 -24.79 -8.30 -16.06
N PRO A 116 -24.60 -9.17 -17.06
CA PRO A 116 -24.33 -8.67 -18.42
C PRO A 116 -25.51 -7.93 -19.03
N ASP A 117 -26.73 -8.16 -18.57
CA ASP A 117 -27.87 -7.53 -19.21
C ASP A 117 -28.08 -6.07 -18.82
N ALA A 118 -27.27 -5.54 -17.90
CA ALA A 118 -27.46 -4.20 -17.40
C ALA A 118 -26.59 -3.15 -18.07
N TYR A 119 -25.67 -3.54 -18.95
CA TYR A 119 -24.64 -2.64 -19.46
C TYR A 119 -25.23 -1.30 -19.94
N SER A 120 -26.13 -1.33 -20.94
CA SER A 120 -26.56 -0.07 -21.56
C SER A 120 -27.28 0.83 -20.57
N VAL A 121 -27.97 0.25 -19.59
CA VAL A 121 -28.74 1.06 -18.66
C VAL A 121 -27.79 1.75 -17.67
N ILE A 122 -26.84 1.00 -17.11
CA ILE A 122 -25.76 1.58 -16.32
C ILE A 122 -25.03 2.67 -17.09
N GLU A 123 -24.64 2.37 -18.34
CA GLU A 123 -23.88 3.31 -19.14
C GLU A 123 -24.61 4.63 -19.30
N GLU A 124 -25.92 4.57 -19.54
CA GLU A 124 -26.69 5.81 -19.61
C GLU A 124 -26.69 6.54 -18.26
N ALA A 125 -26.75 5.81 -17.15
CA ALA A 125 -26.70 6.45 -15.85
C ALA A 125 -25.35 7.13 -15.65
N LEU A 126 -24.27 6.41 -15.94
CA LEU A 126 -22.93 6.99 -15.88
C LEU A 126 -22.80 8.19 -16.81
N HIS A 127 -23.44 8.14 -17.98
CA HIS A 127 -23.29 9.24 -18.90
C HIS A 127 -23.94 10.50 -18.34
N SER A 128 -25.16 10.38 -17.81
CA SER A 128 -25.83 11.58 -17.31
C SER A 128 -25.02 12.21 -16.19
N ILE A 129 -24.33 11.39 -15.40
CA ILE A 129 -23.52 11.89 -14.31
C ILE A 129 -22.25 12.56 -14.84
N CYS A 130 -21.52 11.87 -15.72
CA CYS A 130 -20.26 12.44 -16.24
C CYS A 130 -20.50 13.73 -17.01
N LYS A 131 -21.62 13.83 -17.73
CA LYS A 131 -21.85 15.02 -18.54
C LYS A 131 -21.99 16.25 -17.65
N VAL A 132 -22.73 16.14 -16.56
N VAL A 132 -22.75 16.15 -16.57
CA VAL A 132 -22.94 17.31 -15.72
CA VAL A 132 -22.93 17.31 -15.72
C VAL A 132 -21.67 17.62 -14.93
C VAL A 132 -21.68 17.61 -14.89
N ILE A 133 -20.84 16.61 -14.65
CA ILE A 133 -19.56 16.84 -13.98
C ILE A 133 -18.57 17.48 -14.93
N VAL A 134 -18.45 16.93 -16.14
CA VAL A 134 -17.46 17.43 -17.09
C VAL A 134 -17.75 18.86 -17.50
N ASP A 135 -19.02 19.28 -17.43
CA ASP A 135 -19.37 20.64 -17.83
C ASP A 135 -18.82 21.67 -16.85
N ASN A 136 -18.43 21.25 -15.63
CA ASN A 136 -17.94 22.16 -14.60
C ASN A 136 -17.26 21.38 -13.48
N PRO A 137 -16.03 20.90 -13.69
CA PRO A 137 -15.45 19.91 -12.77
C PRO A 137 -14.50 20.41 -11.69
N LEU A 138 -13.91 21.60 -11.84
CA LEU A 138 -12.78 21.96 -11.00
C LEU A 138 -13.17 22.15 -9.53
N ASP A 139 -14.33 22.71 -9.25
CA ASP A 139 -14.66 22.88 -7.83
C ASP A 139 -14.93 21.55 -7.16
N MET A 140 -15.63 20.66 -7.86
CA MET A 140 -15.88 19.34 -7.32
C MET A 140 -14.59 18.55 -7.13
N MET A 141 -13.60 18.74 -8.00
CA MET A 141 -12.37 17.98 -7.85
C MET A 141 -11.63 18.38 -6.58
N CYS A 142 -11.70 19.64 -6.20
CA CYS A 142 -10.97 20.14 -5.04
C CYS A 142 -11.78 20.10 -3.76
N ASN A 143 -13.02 19.64 -3.83
CA ASN A 143 -13.90 19.59 -2.67
C ASN A 143 -13.63 18.32 -1.88
N CYS A 144 -13.57 18.41 -0.55
CA CYS A 144 -13.23 17.23 0.24
CA CYS A 144 -13.25 17.24 0.26
C CYS A 144 -14.26 16.12 0.04
N TYR A 145 -15.55 16.48 -0.07
CA TYR A 145 -16.55 15.44 -0.28
C TYR A 145 -16.61 15.00 -1.74
N GLY A 146 -16.64 15.98 -2.66
CA GLY A 146 -16.76 15.67 -4.08
C GLY A 146 -15.61 14.83 -4.62
N SER A 147 -14.40 15.01 -4.07
N SER A 147 -14.41 15.00 -4.07
CA SER A 147 -13.26 14.23 -4.50
CA SER A 147 -13.28 14.21 -4.53
C SER A 147 -13.46 12.73 -4.26
C SER A 147 -13.47 12.72 -4.27
N HIS A 148 -14.18 12.37 -3.19
CA HIS A 148 -14.46 10.96 -2.96
C HIS A 148 -15.45 10.42 -3.98
N VAL A 149 -16.50 11.19 -4.25
CA VAL A 149 -17.46 10.80 -5.27
C VAL A 149 -16.75 10.59 -6.62
N LEU A 150 -15.87 11.52 -7.01
CA LEU A 150 -15.13 11.35 -8.26
C LEU A 150 -14.29 10.09 -8.24
N ARG A 151 -13.51 9.90 -7.17
CA ARG A 151 -12.66 8.73 -7.06
C ARG A 151 -13.46 7.43 -7.22
N ARG A 152 -14.64 7.37 -6.60
CA ARG A 152 -15.48 6.18 -6.74
C ARG A 152 -16.05 6.07 -8.15
N LEU A 153 -16.53 7.18 -8.71
CA LEU A 153 -17.06 7.19 -10.07
C LEU A 153 -16.02 6.74 -11.08
N LEU A 154 -14.78 7.23 -10.96
CA LEU A 154 -13.72 6.76 -11.84
C LEU A 154 -13.54 5.25 -11.73
N CYS A 155 -13.55 4.71 -10.51
CA CYS A 155 -13.37 3.27 -10.37
C CYS A 155 -14.55 2.52 -10.99
N LEU A 156 -15.75 3.06 -10.83
CA LEU A 156 -16.91 2.39 -11.39
C LEU A 156 -16.82 2.30 -12.89
N CYS A 157 -16.39 3.38 -13.56
CA CYS A 157 -16.26 3.35 -15.02
C CYS A 157 -15.24 2.31 -15.46
N LYS A 158 -14.11 2.24 -14.77
CA LYS A 158 -13.10 1.25 -15.13
C LYS A 158 -13.64 -0.15 -14.92
N GLY A 159 -14.46 -0.33 -13.88
CA GLY A 159 -15.14 -1.56 -13.53
C GLY A 159 -14.18 -2.72 -13.30
N VAL A 160 -14.64 -3.91 -13.66
CA VAL A 160 -13.83 -5.12 -13.72
C VAL A 160 -13.68 -5.49 -15.20
N PRO A 161 -12.77 -6.41 -15.57
CA PRO A 161 -12.51 -6.65 -17.01
C PRO A 161 -13.70 -7.19 -17.79
N HIS A 162 -14.67 -7.84 -17.13
CA HIS A 162 -15.88 -8.33 -17.79
C HIS A 162 -16.71 -7.18 -18.34
N GLN A 163 -17.35 -6.43 -17.46
CA GLN A 163 -18.08 -5.23 -17.82
C GLN A 163 -17.27 -4.03 -17.33
N GLY A 164 -16.72 -3.26 -18.27
CA GLY A 164 -16.22 -1.94 -17.98
C GLY A 164 -16.77 -0.96 -18.99
N PHE A 165 -16.50 0.32 -18.75
CA PHE A 165 -17.02 1.40 -19.60
C PHE A 165 -15.86 2.29 -20.03
N PRO A 166 -14.96 1.77 -20.87
CA PRO A 166 -13.71 2.47 -21.14
C PRO A 166 -13.93 3.87 -21.68
N GLY A 167 -14.85 4.01 -22.63
CA GLY A 167 -15.12 5.31 -23.21
C GLY A 167 -15.60 6.29 -22.18
N MET A 168 -16.35 5.82 -21.19
CA MET A 168 -16.80 6.69 -20.12
C MET A 168 -15.61 7.15 -19.29
N LEU A 169 -14.77 6.20 -18.85
CA LEU A 169 -13.55 6.56 -18.13
C LEU A 169 -12.78 7.65 -18.87
N THR A 170 -12.60 7.49 -20.18
CA THR A 170 -11.82 8.45 -20.96
C THR A 170 -12.57 9.78 -21.08
N TYR A 171 -13.87 9.71 -21.43
CA TYR A 171 -14.69 10.91 -21.52
C TYR A 171 -14.61 11.71 -20.23
N LEU A 172 -14.86 11.04 -19.10
CA LEU A 172 -14.83 11.70 -17.80
C LEU A 172 -13.43 12.25 -17.51
N LEU A 173 -12.41 11.41 -17.65
CA LEU A 173 -11.09 11.84 -17.25
C LEU A 173 -10.58 12.96 -18.16
N SER A 174 -11.01 12.99 -19.43
CA SER A 174 -10.63 14.11 -20.28
C SER A 174 -11.25 15.41 -19.80
N GLY A 175 -12.55 15.38 -19.45
CA GLY A 175 -13.15 16.55 -18.85
C GLY A 175 -12.37 17.06 -17.66
N LEU A 176 -11.88 16.15 -16.81
CA LEU A 176 -11.17 16.59 -15.62
C LEU A 176 -9.83 17.25 -15.96
N LEU A 177 -9.22 16.90 -17.08
CA LEU A 177 -7.90 17.43 -17.42
C LEU A 177 -7.93 18.57 -18.43
N SER A 178 -9.10 18.98 -18.88
CA SER A 178 -9.18 19.97 -19.97
C SER A 178 -9.36 21.37 -19.43
N CYS A 179 -8.51 21.77 -18.49
CA CYS A 179 -8.53 23.13 -18.00
C CYS A 179 -7.26 23.81 -18.49
N SER A 180 -7.14 25.11 -18.20
CA SER A 180 -5.90 25.81 -18.53
C SER A 180 -4.71 25.19 -17.81
N ARG A 181 -3.53 25.42 -18.36
CA ARG A 181 -2.31 25.02 -17.67
C ARG A 181 -2.16 25.70 -16.32
N GLU A 182 -2.68 26.91 -16.20
CA GLU A 182 -2.59 27.62 -14.92
C GLU A 182 -3.56 27.02 -13.91
N ASP A 183 -4.77 26.67 -14.34
CA ASP A 183 -5.66 25.88 -13.50
C ASP A 183 -4.97 24.59 -13.10
N MET A 184 -4.42 23.88 -14.08
CA MET A 184 -3.74 22.61 -13.81
C MET A 184 -2.63 22.76 -12.80
N LYS A 185 -1.98 23.93 -12.78
CA LYS A 185 -0.89 24.14 -11.83
C LYS A 185 -1.40 24.12 -10.42
N TYR A 186 -2.64 24.55 -10.23
CA TYR A 186 -3.14 24.53 -8.88
C TYR A 186 -3.90 23.25 -8.55
N LEU A 187 -4.38 22.53 -9.56
CA LEU A 187 -4.82 21.16 -9.32
C LEU A 187 -3.69 20.32 -8.74
N GLN A 188 -2.45 20.57 -9.19
CA GLN A 188 -1.30 19.78 -8.78
C GLN A 188 -1.06 19.83 -7.28
N VAL A 189 -1.33 20.98 -6.64
CA VAL A 189 -0.98 21.17 -5.23
C VAL A 189 -2.19 21.15 -4.32
N ASP A 190 -3.39 20.98 -4.84
CA ASP A 190 -4.55 20.82 -4.00
C ASP A 190 -4.65 19.35 -3.60
N GLN A 191 -4.71 19.10 -2.30
CA GLN A 191 -4.83 17.74 -1.77
C GLN A 191 -5.93 16.93 -2.46
N TYR A 192 -7.13 17.49 -2.55
CA TYR A 192 -8.23 16.65 -3.03
C TYR A 192 -8.16 16.44 -4.54
N SER A 193 -7.86 17.48 -5.33
CA SER A 193 -7.68 17.21 -6.76
C SER A 193 -6.51 16.25 -6.97
N SER A 194 -5.46 16.36 -6.17
CA SER A 194 -4.33 15.45 -6.28
C SER A 194 -4.77 14.00 -6.06
N LEU A 195 -5.55 13.76 -5.00
CA LEU A 195 -6.06 12.41 -4.76
C LEU A 195 -6.89 11.91 -5.93
N VAL A 196 -7.69 12.78 -6.54
CA VAL A 196 -8.50 12.35 -7.68
C VAL A 196 -7.60 11.88 -8.80
N LEU A 197 -6.63 12.71 -9.19
CA LEU A 197 -5.70 12.34 -10.25
C LEU A 197 -4.92 11.07 -9.90
N GLN A 198 -4.58 10.89 -8.63
CA GLN A 198 -3.87 9.67 -8.26
C GLN A 198 -4.70 8.44 -8.55
N THR A 199 -6.00 8.49 -8.24
CA THR A 199 -6.87 7.38 -8.56
C THR A 199 -6.92 7.14 -10.07
N ALA A 200 -7.13 8.22 -10.84
CA ALA A 200 -7.24 8.06 -12.28
C ALA A 200 -5.97 7.42 -12.83
N LEU A 201 -4.81 7.87 -12.38
CA LEU A 201 -3.56 7.35 -12.91
C LEU A 201 -3.47 5.83 -12.73
N ARG A 202 -3.70 5.34 -11.49
CA ARG A 202 -3.60 3.89 -11.22
C ARG A 202 -4.58 3.09 -12.07
N LEU A 203 -5.80 3.60 -12.25
CA LEU A 203 -6.77 2.93 -13.11
C LEU A 203 -6.30 2.82 -14.56
N MET A 204 -5.40 3.68 -15.00
CA MET A 204 -4.89 3.65 -16.36
C MET A 204 -3.59 2.88 -16.48
N LEU A 205 -3.20 2.14 -15.43
CA LEU A 205 -1.99 1.33 -15.46
C LEU A 205 -1.97 0.41 -16.68
N LYS A 206 -0.83 0.41 -17.38
CA LYS A 206 -0.58 -0.42 -18.56
C LYS A 206 -1.46 -0.02 -19.74
N GLN A 207 -2.01 1.18 -19.72
CA GLN A 207 -2.73 1.69 -20.89
C GLN A 207 -1.86 2.72 -21.57
N ASP A 208 -0.70 2.29 -22.06
CA ASP A 208 0.34 3.21 -22.51
C ASP A 208 -0.19 4.30 -23.42
N GLU A 209 -1.17 3.98 -24.29
CA GLU A 209 -1.66 5.00 -25.22
C GLU A 209 -2.31 6.16 -24.47
N GLN A 210 -3.05 5.85 -23.40
CA GLN A 210 -3.76 6.87 -22.64
C GLN A 210 -2.87 7.54 -21.61
N LEU A 211 -1.98 6.76 -20.99
CA LEU A 211 -0.98 7.35 -20.09
C LEU A 211 -0.15 8.41 -20.80
N LEU A 212 0.20 8.18 -22.08
CA LEU A 212 0.99 9.15 -22.83
C LEU A 212 0.19 10.39 -23.21
N GLU A 213 -1.13 10.34 -23.08
CA GLU A 213 -1.95 11.52 -23.31
C GLU A 213 -2.10 12.36 -22.06
N ILE A 214 -2.16 11.74 -20.89
CA ILE A 214 -2.67 12.42 -19.70
C ILE A 214 -1.54 12.90 -18.79
N ILE A 215 -0.48 12.10 -18.62
CA ILE A 215 0.64 12.55 -17.78
C ILE A 215 1.20 13.89 -18.25
N PRO A 216 1.42 14.12 -19.55
CA PRO A 216 1.88 15.47 -19.95
C PRO A 216 0.86 16.56 -19.65
N LEU A 217 -0.43 16.29 -19.81
CA LEU A 217 -1.44 17.24 -19.36
C LEU A 217 -1.29 17.56 -17.87
N ILE A 218 -1.07 16.55 -17.03
CA ILE A 218 -0.99 16.80 -15.60
C ILE A 218 0.29 17.55 -15.27
N LEU A 219 1.37 17.29 -16.00
CA LEU A 219 2.66 17.94 -15.77
C LEU A 219 2.82 19.25 -16.52
N ARG A 220 1.89 19.56 -17.44
CA ARG A 220 1.89 20.83 -18.18
C ARG A 220 3.07 20.95 -19.14
N CYS A 221 3.43 19.86 -19.82
CA CYS A 221 4.47 19.98 -20.84
C CYS A 221 3.85 19.74 -22.21
N ASN A 222 3.33 20.81 -22.80
CA ASN A 222 2.88 20.80 -24.18
C ASN A 222 3.18 22.13 -24.86
N GLY A 230 7.51 13.23 -30.21
CA GLY A 230 7.73 12.52 -28.96
C GLY A 230 7.30 13.29 -27.72
N PHE A 231 7.58 12.74 -26.54
CA PHE A 231 7.26 13.37 -25.27
C PHE A 231 8.52 14.00 -24.72
N HIS A 232 8.49 15.33 -24.51
CA HIS A 232 9.65 16.03 -23.98
C HIS A 232 9.22 17.08 -22.97
N ILE A 233 10.02 17.21 -21.92
CA ILE A 233 9.85 18.23 -20.91
C ILE A 233 10.81 19.35 -21.24
N GLU A 234 10.28 20.57 -21.39
CA GLU A 234 11.12 21.73 -21.62
C GLU A 234 11.82 22.15 -20.33
N THR A 235 12.84 23.00 -20.48
CA THR A 235 13.70 23.29 -19.34
C THR A 235 12.97 24.10 -18.28
N ASN A 236 12.08 25.01 -18.70
CA ASN A 236 11.36 25.81 -17.71
C ASN A 236 10.25 25.00 -17.05
N VAL A 237 9.59 24.12 -17.81
CA VAL A 237 8.58 23.26 -17.22
C VAL A 237 9.23 22.36 -16.18
N ALA A 238 10.42 21.83 -16.48
CA ALA A 238 11.10 20.99 -15.51
C ALA A 238 11.36 21.75 -14.22
N LYS A 239 11.84 22.98 -14.34
CA LYS A 239 12.09 23.79 -13.15
C LYS A 239 10.83 23.89 -12.30
N GLU A 240 9.68 24.13 -12.93
CA GLU A 240 8.45 24.30 -12.17
C GLU A 240 8.06 22.99 -11.52
N ILE A 241 8.12 21.90 -12.29
CA ILE A 241 7.89 20.56 -11.74
C ILE A 241 8.80 20.33 -10.55
N LEU A 242 10.11 20.49 -10.78
CA LEU A 242 11.10 20.29 -9.72
C LEU A 242 10.75 21.11 -8.49
N GLU A 243 10.44 22.41 -8.66
CA GLU A 243 10.16 23.28 -7.52
C GLU A 243 8.88 22.92 -6.77
N SER A 244 7.93 22.27 -7.39
CA SER A 244 6.75 21.85 -6.65
C SER A 244 6.93 20.51 -5.96
N MET A 245 8.08 19.85 -6.18
CA MET A 245 8.25 18.48 -5.68
C MET A 245 8.21 18.39 -4.16
N LYS A 246 8.50 19.48 -3.42
CA LYS A 246 8.53 19.40 -1.96
C LYS A 246 7.14 19.56 -1.34
N ASP A 247 6.13 19.73 -2.18
CA ASP A 247 4.77 19.95 -1.73
C ASP A 247 4.09 18.62 -1.42
N ASN A 248 3.30 18.60 -0.34
CA ASN A 248 2.73 17.34 0.11
C ASN A 248 1.77 16.75 -0.92
N SER A 249 1.05 17.60 -1.65
CA SER A 249 0.06 17.07 -2.59
C SER A 249 0.71 16.69 -3.91
N PHE A 250 1.55 17.56 -4.48
CA PHE A 250 2.21 17.20 -5.71
C PHE A 250 3.07 15.95 -5.52
N SER A 251 3.79 15.86 -4.40
CA SER A 251 4.70 14.74 -4.21
C SER A 251 3.93 13.42 -4.24
N HIS A 252 2.77 13.37 -3.57
CA HIS A 252 1.92 12.19 -3.69
C HIS A 252 1.52 11.92 -5.14
N LEU A 253 1.23 12.97 -5.89
CA LEU A 253 0.84 12.76 -7.29
C LEU A 253 2.00 12.21 -8.10
N VAL A 254 3.21 12.78 -7.93
CA VAL A 254 4.33 12.33 -8.75
C VAL A 254 4.76 10.90 -8.39
N GLU A 255 4.62 10.52 -7.12
CA GLU A 255 4.78 9.11 -6.75
C GLU A 255 4.01 8.20 -7.68
N VAL A 256 2.70 8.44 -7.81
CA VAL A 256 1.87 7.60 -8.67
C VAL A 256 2.27 7.75 -10.12
N ILE A 257 2.71 8.94 -10.55
CA ILE A 257 3.14 9.09 -11.95
C ILE A 257 4.31 8.16 -12.25
N LEU A 258 5.30 8.17 -11.35
CA LEU A 258 6.44 7.28 -11.55
C LEU A 258 6.03 5.80 -11.52
N GLU A 259 5.04 5.42 -10.70
CA GLU A 259 4.57 4.03 -10.70
C GLU A 259 4.03 3.59 -12.06
N VAL A 260 3.25 4.44 -12.73
CA VAL A 260 2.53 4.00 -13.92
C VAL A 260 3.18 4.46 -15.20
N ALA A 261 4.22 5.26 -15.12
CA ALA A 261 4.75 5.90 -16.32
C ALA A 261 5.35 4.86 -17.26
N PRO A 262 5.00 4.87 -18.54
CA PRO A 262 5.72 4.05 -19.51
C PRO A 262 7.19 4.43 -19.58
N GLU A 263 7.99 3.52 -20.18
CA GLU A 263 9.45 3.66 -20.16
C GLU A 263 9.91 5.01 -20.70
N SER A 264 9.56 5.31 -21.96
CA SER A 264 10.03 6.54 -22.62
C SER A 264 9.77 7.75 -21.75
N LEU A 265 8.61 7.77 -21.10
CA LEU A 265 8.20 8.88 -20.25
C LEU A 265 8.92 8.87 -18.90
N TYR A 266 9.15 7.67 -18.34
CA TYR A 266 9.98 7.59 -17.16
C TYR A 266 11.36 8.16 -17.44
N ASN A 267 11.95 7.79 -18.57
CA ASN A 267 13.32 8.22 -18.84
C ASN A 267 13.40 9.74 -18.93
N GLU A 268 12.43 10.36 -19.60
CA GLU A 268 12.46 11.81 -19.75
C GLU A 268 12.32 12.52 -18.40
N MET A 269 11.49 11.97 -17.50
CA MET A 269 11.40 12.57 -16.17
C MET A 269 12.66 12.32 -15.35
N PHE A 270 13.31 11.18 -15.55
CA PHE A 270 14.56 10.92 -14.86
C PHE A 270 15.62 11.97 -15.21
N ASN A 271 15.75 12.29 -16.50
CA ASN A 271 16.85 13.16 -16.91
C ASN A 271 16.51 14.64 -16.68
N LYS A 272 15.34 15.09 -17.11
CA LYS A 272 15.08 16.52 -17.11
C LYS A 272 14.63 17.06 -15.76
N VAL A 273 14.17 16.22 -14.83
CA VAL A 273 13.59 16.69 -13.57
C VAL A 273 14.43 16.26 -12.37
N PHE A 274 14.80 14.98 -12.31
CA PHE A 274 15.37 14.41 -11.09
C PHE A 274 16.89 14.27 -11.12
N LYS A 275 17.49 13.98 -12.28
CA LYS A 275 18.94 13.93 -12.39
C LYS A 275 19.54 15.21 -11.83
N ASN A 276 20.52 15.04 -10.95
CA ASN A 276 21.33 16.09 -10.31
C ASN A 276 20.63 16.78 -9.15
N SER A 277 19.41 16.38 -8.78
CA SER A 277 18.79 16.88 -7.55
C SER A 277 18.39 15.73 -6.62
N LEU A 278 18.90 14.52 -6.85
CA LEU A 278 18.48 13.36 -6.07
C LEU A 278 18.73 13.56 -4.57
N PHE A 279 19.90 14.07 -4.17
CA PHE A 279 20.14 14.08 -2.73
C PHE A 279 19.32 15.15 -2.04
N GLU A 280 19.24 16.34 -2.62
CA GLU A 280 18.46 17.40 -1.98
C GLU A 280 16.99 17.03 -1.89
N LEU A 281 16.50 16.27 -2.88
CA LEU A 281 15.15 15.74 -2.83
C LEU A 281 15.02 14.64 -1.78
N SER A 282 16.06 13.82 -1.62
CA SER A 282 16.03 12.72 -0.67
C SER A 282 15.90 13.18 0.78
N VAL A 283 16.30 14.41 1.07
CA VAL A 283 16.27 14.86 2.46
C VAL A 283 15.03 15.67 2.76
N ASP A 284 14.15 15.87 1.79
CA ASP A 284 12.94 16.62 2.05
C ASP A 284 11.87 15.69 2.62
N ARG A 285 11.13 16.19 3.61
CA ARG A 285 10.19 15.33 4.32
C ARG A 285 9.09 14.78 3.40
N CYS A 286 8.80 15.46 2.29
CA CYS A 286 7.83 14.99 1.31
C CYS A 286 8.47 14.40 0.06
N ALA A 287 9.47 15.08 -0.50
CA ALA A 287 9.98 14.68 -1.81
C ALA A 287 10.69 13.34 -1.75
N ASN A 288 11.28 12.99 -0.60
CA ASN A 288 12.03 11.75 -0.52
C ASN A 288 11.16 10.56 -0.91
N PHE A 289 9.85 10.65 -0.67
CA PHE A 289 8.98 9.57 -1.13
C PHE A 289 8.87 9.57 -2.65
N VAL A 290 8.92 10.74 -3.29
CA VAL A 290 9.00 10.74 -4.75
C VAL A 290 10.27 10.03 -5.17
N ILE A 291 11.34 10.24 -4.43
CA ILE A 291 12.62 9.63 -4.77
C ILE A 291 12.57 8.12 -4.60
N GLN A 292 11.91 7.63 -3.55
CA GLN A 292 11.75 6.19 -3.39
C GLN A 292 11.04 5.60 -4.61
N ALA A 293 9.96 6.23 -5.04
CA ALA A 293 9.24 5.76 -6.21
C ALA A 293 10.12 5.78 -7.45
N LEU A 294 10.91 6.84 -7.62
CA LEU A 294 11.82 6.94 -8.75
C LEU A 294 12.83 5.80 -8.77
N ILE A 295 13.43 5.51 -7.61
CA ILE A 295 14.40 4.43 -7.53
C ILE A 295 13.75 3.11 -7.88
N SER A 296 12.60 2.82 -7.24
CA SER A 296 11.89 1.56 -7.43
C SER A 296 11.52 1.28 -8.88
N HIS A 297 11.48 2.31 -9.74
CA HIS A 297 11.01 2.10 -11.11
C HIS A 297 12.07 2.48 -12.14
N ALA A 298 13.33 2.60 -11.71
CA ALA A 298 14.43 2.74 -12.65
C ALA A 298 14.48 1.57 -13.63
N ARG A 299 14.98 1.85 -14.82
CA ARG A 299 14.85 0.94 -15.95
C ARG A 299 16.13 0.23 -16.36
N ASP A 300 17.29 0.90 -16.30
CA ASP A 300 18.47 0.40 -16.99
C ASP A 300 19.73 0.70 -16.19
N GLN A 301 20.88 0.30 -16.77
CA GLN A 301 22.16 0.38 -16.08
C GLN A 301 22.60 1.81 -15.85
N GLU A 302 22.55 2.63 -16.89
CA GLU A 302 22.97 4.02 -16.78
C GLU A 302 22.27 4.71 -15.61
N GLN A 303 20.96 4.50 -15.52
CA GLN A 303 20.16 5.06 -14.42
C GLN A 303 20.65 4.57 -13.07
N MET A 304 20.92 3.27 -12.95
CA MET A 304 21.42 2.76 -11.67
C MET A 304 22.71 3.45 -11.29
N GLY A 305 23.56 3.72 -12.29
CA GLY A 305 24.81 4.39 -12.04
C GLY A 305 24.58 5.77 -11.48
N ILE A 306 23.83 6.58 -12.25
CA ILE A 306 23.56 7.96 -11.86
C ILE A 306 23.02 8.03 -10.44
N MET A 307 22.07 7.15 -10.14
CA MET A 307 21.53 7.16 -8.79
C MET A 307 22.62 6.86 -7.78
N TRP A 308 23.50 5.90 -8.09
CA TRP A 308 24.47 5.49 -7.11
C TRP A 308 25.45 6.61 -6.81
N GLU A 309 25.88 7.34 -7.85
CA GLU A 309 26.85 8.39 -7.67
C GLU A 309 26.30 9.52 -6.79
N GLU A 310 25.06 9.93 -7.04
CA GLU A 310 24.50 11.04 -6.28
C GLU A 310 24.12 10.66 -4.86
N LEU A 311 23.83 9.38 -4.60
CA LEU A 311 23.21 8.96 -3.34
C LEU A 311 24.10 8.13 -2.43
N ALA A 312 24.85 7.17 -2.97
CA ALA A 312 25.63 6.29 -2.12
C ALA A 312 26.59 7.04 -1.20
N PRO A 313 27.39 8.02 -1.68
CA PRO A 313 28.22 8.79 -0.76
C PRO A 313 27.47 9.40 0.42
N ARG A 314 26.13 9.43 0.37
CA ARG A 314 25.32 10.11 1.38
C ARG A 314 24.48 9.15 2.21
N PHE A 315 24.79 7.84 2.15
CA PHE A 315 24.00 6.87 2.91
C PHE A 315 23.94 7.25 4.38
N LYS A 316 25.07 7.65 4.97
CA LYS A 316 25.05 8.02 6.38
C LYS A 316 24.10 9.19 6.64
N ASP A 317 24.02 10.13 5.69
CA ASP A 317 23.08 11.24 5.84
C ASP A 317 21.65 10.74 5.87
N LEU A 318 21.32 9.83 4.95
CA LEU A 318 19.94 9.40 4.80
C LEU A 318 19.44 8.67 6.05
N LEU A 319 20.25 7.78 6.62
CA LEU A 319 19.83 7.09 7.85
C LEU A 319 19.77 8.05 9.02
N GLU A 320 20.69 9.00 9.06
CA GLU A 320 20.79 9.89 10.21
C GLU A 320 19.65 10.90 10.22
N GLN A 321 19.11 11.28 9.06
CA GLN A 321 18.02 12.23 8.96
C GLN A 321 16.65 11.55 8.79
N GLY A 322 16.52 10.28 9.15
CA GLY A 322 15.23 9.61 9.13
C GLY A 322 14.71 9.29 7.75
N LYS A 323 15.59 9.04 6.79
CA LYS A 323 15.14 8.76 5.43
C LYS A 323 15.64 7.38 5.00
N SER A 324 15.43 6.39 5.88
CA SER A 324 15.89 5.02 5.66
C SER A 324 15.30 4.37 4.39
N GLY A 325 14.09 4.78 3.98
CA GLY A 325 13.44 4.16 2.84
C GLY A 325 14.18 4.37 1.52
N VAL A 326 14.90 5.48 1.39
CA VAL A 326 15.72 5.67 0.20
C VAL A 326 16.75 4.55 0.08
N VAL A 327 17.42 4.23 1.19
CA VAL A 327 18.42 3.17 1.15
C VAL A 327 17.75 1.83 0.87
N ALA A 328 16.60 1.57 1.48
CA ALA A 328 15.91 0.32 1.18
C ALA A 328 15.61 0.19 -0.30
N SER A 329 15.25 1.32 -0.94
CA SER A 329 14.94 1.29 -2.36
C SER A 329 16.17 1.02 -3.21
N LEU A 330 17.28 1.72 -2.91
CA LEU A 330 18.53 1.45 -3.62
C LEU A 330 18.93 -0.02 -3.52
N ILE A 331 18.83 -0.58 -2.30
CA ILE A 331 19.11 -1.99 -2.11
C ILE A 331 18.22 -2.84 -3.01
N ALA A 332 16.92 -2.54 -3.04
CA ALA A 332 16.01 -3.41 -3.78
C ALA A 332 16.23 -3.30 -5.28
N VAL A 333 16.44 -2.09 -5.81
CA VAL A 333 16.61 -1.99 -7.25
C VAL A 333 17.97 -2.55 -7.65
N SER A 334 18.95 -2.50 -6.74
CA SER A 334 20.22 -3.16 -6.98
C SER A 334 20.02 -4.64 -7.31
N GLN A 335 19.25 -5.36 -6.48
CA GLN A 335 18.89 -6.74 -6.80
C GLN A 335 18.21 -6.83 -8.15
N ARG A 336 17.16 -6.03 -8.35
CA ARG A 336 16.32 -6.20 -9.54
C ARG A 336 17.09 -5.89 -10.81
N LEU A 337 17.93 -4.87 -10.78
CA LEU A 337 18.73 -4.55 -11.96
C LEU A 337 20.04 -5.31 -12.01
N GLN A 338 20.38 -6.05 -10.94
CA GLN A 338 21.64 -6.78 -10.84
C GLN A 338 22.82 -5.86 -11.17
N SER A 339 22.90 -4.77 -10.41
CA SER A 339 23.95 -3.79 -10.59
C SER A 339 24.27 -3.15 -9.24
N HIS A 340 25.57 -2.94 -8.98
CA HIS A 340 26.05 -2.24 -7.78
C HIS A 340 25.70 -2.97 -6.50
N GLU A 341 25.45 -4.28 -6.59
CA GLU A 341 25.13 -5.06 -5.39
C GLU A 341 26.21 -4.87 -4.34
N ASN A 342 27.46 -5.17 -4.69
CA ASN A 342 28.53 -5.05 -3.72
C ASN A 342 28.70 -3.61 -3.26
N LYS A 343 28.74 -2.67 -4.21
CA LYS A 343 28.86 -1.28 -3.80
C LYS A 343 27.77 -0.91 -2.80
N CYS A 344 26.54 -1.40 -3.04
CA CYS A 344 25.41 -1.09 -2.17
C CYS A 344 25.62 -1.61 -0.77
N CYS A 345 25.85 -2.92 -0.65
CA CYS A 345 26.11 -3.53 0.65
C CYS A 345 27.24 -2.83 1.38
N GLU A 346 28.39 -2.64 0.70
CA GLU A 346 29.53 -1.99 1.35
C GLU A 346 29.18 -0.57 1.78
N ALA A 347 28.50 0.19 0.92
CA ALA A 347 28.11 1.54 1.28
C ALA A 347 27.31 1.58 2.58
N LEU A 348 26.45 0.57 2.79
CA LEU A 348 25.62 0.54 3.98
C LEU A 348 26.43 0.24 5.25
N VAL A 349 27.36 -0.73 5.18
CA VAL A 349 28.23 -0.99 6.33
C VAL A 349 28.97 0.28 6.73
N GLY A 350 29.66 0.90 5.76
CA GLY A 350 30.43 2.10 6.05
C GLY A 350 29.59 3.21 6.63
N ALA A 351 28.30 3.26 6.25
CA ALA A 351 27.42 4.30 6.78
C ALA A 351 27.11 4.07 8.26
N VAL A 352 26.99 2.81 8.67
CA VAL A 352 26.60 2.48 10.04
C VAL A 352 27.80 2.17 10.94
N CYS A 353 28.91 1.76 10.35
CA CYS A 353 30.09 1.31 11.08
C CYS A 353 31.29 2.05 10.50
N SER A 354 31.76 3.07 11.20
CA SER A 354 32.81 3.93 10.67
C SER A 354 34.19 3.34 10.95
N THR A 355 34.48 2.96 12.19
CA THR A 355 35.73 2.29 12.51
C THR A 355 35.67 0.82 12.12
N ASN A 356 36.83 0.28 11.75
CA ASN A 356 36.88 -1.11 11.33
C ASN A 356 36.41 -2.04 12.45
N GLU A 357 36.64 -1.64 13.70
CA GLU A 357 36.33 -2.50 14.82
C GLU A 357 34.82 -2.75 14.94
N SER A 358 33.99 -1.75 14.65
CA SER A 358 32.56 -1.84 14.93
C SER A 358 31.73 -2.51 13.80
N ARG A 359 32.34 -3.09 12.76
CA ARG A 359 31.59 -3.71 11.66
C ARG A 359 31.03 -5.07 12.02
N ILE A 360 31.33 -5.56 13.21
CA ILE A 360 30.65 -6.73 13.76
C ILE A 360 29.27 -6.36 14.31
N SER A 361 29.04 -5.07 14.55
CA SER A 361 27.79 -4.58 15.11
C SER A 361 26.80 -4.11 14.04
N ILE A 362 27.05 -4.45 12.76
CA ILE A 362 26.15 -3.97 11.72
C ILE A 362 24.72 -4.41 12.01
N LEU A 363 24.52 -5.67 12.41
CA LEU A 363 23.15 -6.15 12.62
C LEU A 363 22.42 -5.40 13.72
N PRO A 364 22.87 -5.41 14.98
CA PRO A 364 22.08 -4.71 16.01
C PRO A 364 21.89 -3.24 15.71
N ARG A 365 22.86 -2.59 15.06
CA ARG A 365 22.72 -1.16 14.80
C ARG A 365 21.63 -0.90 13.79
N LEU A 366 21.34 -1.85 12.92
CA LEU A 366 20.26 -1.68 11.96
C LEU A 366 18.93 -2.15 12.53
N LEU A 367 18.94 -3.19 13.37
CA LEU A 367 17.72 -3.62 14.03
C LEU A 367 17.13 -2.49 14.87
N PHE A 368 17.98 -1.66 15.48
CA PHE A 368 17.51 -0.53 16.27
C PHE A 368 17.96 0.79 15.65
N LEU A 369 17.74 0.93 14.34
CA LEU A 369 18.28 2.06 13.58
C LEU A 369 18.04 3.39 14.28
N ASP A 370 16.78 3.64 14.73
CA ASP A 370 16.47 4.94 15.33
C ASP A 370 17.11 5.09 16.71
N TYR A 371 17.17 4.04 17.51
CA TYR A 371 17.80 4.16 18.82
C TYR A 371 19.30 4.38 18.71
N TYR A 372 19.95 3.84 17.67
CA TYR A 372 21.40 4.00 17.56
C TYR A 372 21.77 5.40 17.09
N PHE A 373 21.20 5.84 15.96
CA PHE A 373 21.54 7.17 15.48
C PHE A 373 21.06 8.28 16.43
N GLY A 374 20.28 7.94 17.45
CA GLY A 374 19.78 8.96 18.35
C GLY A 374 20.28 8.84 19.77
N CYS A 375 21.13 7.86 20.05
CA CYS A 375 21.64 7.75 21.40
C CYS A 375 22.70 8.83 21.64
N ARG A 376 23.03 9.01 22.93
CA ARG A 376 24.01 9.99 23.38
C ARG A 376 25.41 9.64 22.86
N ASP A 377 25.99 8.56 23.38
CA ASP A 377 27.36 8.16 23.08
C ASP A 377 27.32 6.94 22.15
N LYS A 378 27.66 7.16 20.88
CA LYS A 378 27.58 6.08 19.88
C LYS A 378 28.67 5.02 20.08
N SER A 379 29.83 5.41 20.59
CA SER A 379 30.88 4.41 20.69
C SER A 379 30.66 3.43 21.83
N THR A 380 29.56 3.55 22.57
CA THR A 380 29.20 2.59 23.61
C THR A 380 27.81 2.00 23.44
N TRP A 381 27.06 2.40 22.43
CA TRP A 381 25.76 1.81 22.19
C TRP A 381 25.90 0.37 21.70
N GLU A 382 25.25 -0.55 22.39
CA GLU A 382 25.28 -1.95 21.99
C GLU A 382 23.93 -2.50 21.59
N TRP A 383 22.86 -2.06 22.25
CA TRP A 383 21.54 -2.69 22.16
C TRP A 383 20.53 -1.68 22.68
N ALA A 384 19.27 -2.09 22.71
CA ALA A 384 18.19 -1.27 23.27
C ALA A 384 17.18 -2.21 23.94
N PRO A 385 17.45 -2.62 25.18
CA PRO A 385 16.74 -3.79 25.73
C PRO A 385 15.25 -3.57 25.87
N GLY A 386 14.49 -4.61 25.51
CA GLY A 386 13.04 -4.60 25.56
C GLY A 386 12.35 -3.62 24.65
N ALA A 387 13.05 -3.03 23.69
CA ALA A 387 12.44 -2.05 22.80
C ALA A 387 11.98 -2.69 21.49
N LYS A 388 10.98 -2.08 20.88
CA LYS A 388 10.51 -2.50 19.57
C LYS A 388 11.59 -2.25 18.51
N MET A 389 11.85 -3.25 17.68
CA MET A 389 12.85 -3.08 16.63
C MET A 389 12.28 -2.24 15.50
N HIS A 390 13.18 -1.76 14.64
CA HIS A 390 12.89 -0.65 13.75
C HIS A 390 12.40 -1.18 12.41
N VAL A 391 11.21 -0.75 12.01
CA VAL A 391 10.54 -1.37 10.87
C VAL A 391 11.38 -1.23 9.61
N MET A 392 11.80 -0.01 9.26
CA MET A 392 12.51 0.16 7.98
C MET A 392 13.94 -0.37 8.07
N GLY A 393 14.60 -0.20 9.22
CA GLY A 393 15.84 -0.90 9.43
C GLY A 393 15.74 -2.37 9.12
N CYS A 394 14.74 -3.05 9.69
CA CYS A 394 14.57 -4.48 9.45
C CYS A 394 14.22 -4.78 8.00
N LEU A 395 13.43 -3.90 7.36
CA LEU A 395 13.15 -4.07 5.93
C LEU A 395 14.44 -4.04 5.11
N ILE A 396 15.33 -3.08 5.43
CA ILE A 396 16.63 -3.01 4.77
C ILE A 396 17.37 -4.34 4.90
N LEU A 397 17.39 -4.92 6.11
CA LEU A 397 18.10 -6.18 6.32
C LEU A 397 17.46 -7.30 5.52
N GLN A 398 16.14 -7.40 5.55
CA GLN A 398 15.45 -8.34 4.66
C GLN A 398 15.89 -8.12 3.23
N GLY A 399 16.05 -6.87 2.82
CA GLY A 399 16.62 -6.62 1.52
C GLY A 399 17.98 -7.24 1.39
N ILE A 400 18.87 -6.91 2.32
CA ILE A 400 20.25 -7.38 2.28
C ILE A 400 20.32 -8.90 2.11
N PHE A 401 19.50 -9.64 2.85
CA PHE A 401 19.59 -11.10 2.80
C PHE A 401 18.94 -11.71 1.56
N LYS A 402 18.50 -10.91 0.60
CA LYS A 402 18.16 -11.46 -0.71
C LYS A 402 19.33 -11.40 -1.70
N PHE A 403 20.38 -10.65 -1.37
CA PHE A 403 21.61 -10.77 -2.14
C PHE A 403 22.22 -12.15 -1.91
N SER A 404 23.14 -12.52 -2.81
CA SER A 404 23.87 -13.76 -2.61
C SER A 404 24.95 -13.58 -1.55
N SER A 405 25.35 -14.70 -0.94
CA SER A 405 26.30 -14.68 0.17
C SER A 405 27.60 -13.96 -0.17
N ASP A 406 27.97 -13.86 -1.45
CA ASP A 406 29.20 -13.16 -1.86
C ASP A 406 29.23 -11.72 -1.36
N HIS A 407 28.07 -11.04 -1.36
CA HIS A 407 28.01 -9.61 -1.13
C HIS A 407 27.77 -9.24 0.32
N ILE A 408 27.40 -10.18 1.19
CA ILE A 408 26.87 -9.79 2.48
C ILE A 408 27.55 -10.51 3.63
N GLN A 409 28.85 -10.82 3.46
CA GLN A 409 29.56 -11.55 4.50
C GLN A 409 29.61 -10.81 5.83
N PRO A 410 29.83 -9.49 5.87
CA PRO A 410 29.68 -8.80 7.16
C PRO A 410 28.30 -8.97 7.77
N TYR A 411 27.25 -9.01 6.96
CA TYR A 411 25.92 -9.15 7.53
C TYR A 411 25.71 -10.53 8.13
N ILE A 412 26.16 -11.58 7.43
CA ILE A 412 25.98 -12.95 7.91
C ILE A 412 26.81 -13.19 9.17
N THR A 413 28.10 -12.80 9.15
CA THR A 413 28.94 -12.93 10.34
C THR A 413 28.35 -12.19 11.53
N SER A 414 27.86 -10.97 11.30
CA SER A 414 27.31 -10.17 12.39
C SER A 414 26.08 -10.83 12.98
N LEU A 415 25.16 -11.31 12.14
CA LEU A 415 23.95 -11.91 12.65
C LEU A 415 24.26 -13.18 13.43
N THR A 416 25.00 -14.11 12.81
CA THR A 416 25.34 -15.39 13.44
C THR A 416 26.26 -15.25 14.66
N SER A 417 26.92 -14.12 14.85
CA SER A 417 27.77 -13.94 16.02
C SER A 417 27.06 -13.31 17.20
N MET A 418 25.81 -12.89 17.05
CA MET A 418 25.11 -12.29 18.19
C MET A 418 24.91 -13.33 19.28
N LYS A 419 25.05 -12.89 20.53
CA LYS A 419 24.87 -13.80 21.65
C LYS A 419 23.42 -14.24 21.76
N ALA A 420 23.22 -15.41 22.38
CA ALA A 420 21.91 -16.07 22.32
C ALA A 420 20.77 -15.15 22.74
N GLU A 421 20.94 -14.38 23.82
CA GLU A 421 19.78 -13.63 24.29
C GLU A 421 19.43 -12.49 23.33
N TYR A 422 20.41 -11.94 22.59
CA TYR A 422 20.04 -10.99 21.56
C TYR A 422 19.29 -11.66 20.41
N ILE A 423 19.71 -12.87 20.04
CA ILE A 423 19.07 -13.53 18.91
C ILE A 423 17.63 -13.90 19.27
N THR A 424 17.39 -14.30 20.52
CA THR A 424 16.02 -14.63 20.89
C THR A 424 15.16 -13.37 21.01
N GLU A 425 15.72 -12.27 21.50
CA GLU A 425 15.00 -11.00 21.45
C GLU A 425 14.58 -10.66 20.02
N THR A 426 15.46 -10.89 19.05
CA THR A 426 15.14 -10.61 17.65
C THR A 426 14.02 -11.51 17.13
N ALA A 427 14.02 -12.78 17.52
CA ALA A 427 12.98 -13.66 16.97
C ALA A 427 11.63 -13.35 17.59
N LYS A 428 11.63 -12.87 18.83
CA LYS A 428 10.41 -12.48 19.52
C LYS A 428 9.89 -11.11 19.08
N ASP A 429 10.64 -10.38 18.27
CA ASP A 429 10.24 -9.07 17.78
C ASP A 429 9.61 -9.24 16.41
N SER A 430 8.43 -8.67 16.21
CA SER A 430 7.68 -9.04 15.02
C SER A 430 8.24 -8.42 13.74
N SER A 431 9.16 -7.45 13.86
CA SER A 431 9.99 -7.02 12.73
C SER A 431 11.29 -7.81 12.65
N GLY A 432 11.94 -8.08 13.79
CA GLY A 432 13.21 -8.76 13.75
C GLY A 432 13.08 -10.20 13.29
N ALA A 433 11.97 -10.85 13.64
CA ALA A 433 11.75 -12.20 13.17
C ALA A 433 11.77 -12.27 11.64
N ARG A 434 11.28 -11.24 10.96
CA ARG A 434 11.37 -11.24 9.49
C ARG A 434 12.81 -11.14 8.99
N VAL A 435 13.73 -10.62 9.83
CA VAL A 435 15.14 -10.59 9.46
C VAL A 435 15.72 -11.99 9.54
N ILE A 436 15.53 -12.65 10.69
CA ILE A 436 16.00 -14.02 10.87
C ILE A 436 15.43 -14.92 9.78
N GLU A 437 14.18 -14.70 9.39
CA GLU A 437 13.59 -15.55 8.37
C GLU A 437 14.15 -15.24 7.00
N ALA A 438 14.42 -13.97 6.71
CA ALA A 438 15.09 -13.64 5.46
C ALA A 438 16.47 -14.27 5.40
N PHE A 439 17.12 -14.43 6.55
CA PHE A 439 18.42 -15.06 6.62
C PHE A 439 18.33 -16.58 6.46
N LEU A 440 17.32 -17.20 7.05
CA LEU A 440 17.16 -18.63 6.87
C LEU A 440 16.80 -18.98 5.43
N ALA A 441 16.29 -18.02 4.66
CA ALA A 441 15.92 -18.24 3.27
C ALA A 441 17.03 -17.87 2.30
N SER A 442 18.10 -17.24 2.78
CA SER A 442 19.20 -16.78 1.94
C SER A 442 20.07 -17.95 1.52
N ASP A 443 21.19 -17.68 0.87
CA ASP A 443 22.10 -18.75 0.50
C ASP A 443 23.36 -18.73 1.37
N ALA A 444 23.23 -18.29 2.62
CA ALA A 444 24.31 -18.50 3.56
C ALA A 444 24.46 -19.99 3.79
N ALA A 445 25.63 -20.38 4.28
CA ALA A 445 25.91 -21.80 4.49
C ALA A 445 24.98 -22.39 5.54
N THR A 446 24.62 -23.66 5.37
CA THR A 446 23.74 -24.31 6.34
C THR A 446 24.34 -24.29 7.76
N LYS A 447 25.68 -24.37 7.87
CA LYS A 447 26.29 -24.37 9.19
C LYS A 447 26.15 -23.02 9.87
N GLN A 448 26.19 -21.95 9.08
CA GLN A 448 25.92 -20.63 9.62
C GLN A 448 24.48 -20.53 10.08
N LYS A 449 23.56 -21.05 9.27
CA LYS A 449 22.15 -21.12 9.65
C LYS A 449 21.97 -21.95 10.92
N ARG A 450 22.60 -23.12 10.96
CA ARG A 450 22.50 -24.00 12.11
C ARG A 450 23.01 -23.33 13.38
N ARG A 451 24.10 -22.57 13.28
CA ARG A 451 24.68 -21.93 14.45
C ARG A 451 23.69 -20.93 15.05
N LEU A 452 22.97 -20.20 14.21
CA LEU A 452 21.98 -19.27 14.73
C LEU A 452 20.83 -20.02 15.39
N ILE A 453 20.27 -21.02 14.69
CA ILE A 453 19.13 -21.75 15.21
C ILE A 453 19.46 -22.34 16.58
N ILE A 454 20.68 -22.89 16.73
CA ILE A 454 21.05 -23.54 17.99
C ILE A 454 20.97 -22.54 19.15
N LYS A 455 21.32 -21.28 18.89
CA LYS A 455 21.22 -20.29 19.96
C LYS A 455 19.77 -19.94 20.32
N LEU A 456 18.79 -20.40 19.54
CA LEU A 456 17.39 -20.28 19.93
C LEU A 456 16.91 -21.40 20.82
N ARG A 457 17.76 -22.42 21.09
CA ARG A 457 17.32 -23.53 21.92
C ARG A 457 16.87 -23.03 23.28
N GLY A 458 15.84 -23.67 23.82
CA GLY A 458 15.23 -23.23 25.06
C GLY A 458 14.16 -22.17 24.91
N HIS A 459 13.88 -21.74 23.69
CA HIS A 459 12.92 -20.66 23.48
C HIS A 459 11.92 -20.94 22.38
N PHE A 460 11.98 -22.11 21.74
CA PHE A 460 10.94 -22.38 20.76
C PHE A 460 9.59 -22.47 21.43
N GLY A 461 9.55 -22.88 22.70
CA GLY A 461 8.36 -22.82 23.52
C GLY A 461 7.69 -21.46 23.52
N GLU A 462 8.32 -20.44 24.13
CA GLU A 462 7.71 -19.12 24.17
C GLU A 462 7.53 -18.55 22.77
N LEU A 463 8.42 -18.89 21.84
CA LEU A 463 8.33 -18.32 20.50
C LEU A 463 7.07 -18.81 19.79
N SER A 464 6.72 -20.09 19.95
CA SER A 464 5.54 -20.61 19.26
C SER A 464 4.26 -19.92 19.73
N LEU A 465 4.27 -19.40 20.96
CA LEU A 465 3.03 -18.92 21.58
C LEU A 465 2.55 -17.61 20.96
N HIS A 466 3.46 -16.72 20.61
CA HIS A 466 3.12 -15.53 19.83
C HIS A 466 2.81 -15.89 18.37
N THR A 467 2.14 -14.97 17.68
CA THR A 467 1.67 -15.25 16.33
C THR A 467 2.79 -15.17 15.28
N SER A 468 3.66 -14.15 15.35
CA SER A 468 4.74 -14.10 14.37
C SER A 468 5.77 -15.17 14.66
N GLY A 469 6.11 -15.36 15.94
CA GLY A 469 7.06 -16.40 16.32
C GLY A 469 6.66 -17.79 15.86
N SER A 470 5.35 -18.09 15.84
CA SER A 470 4.91 -19.39 15.33
C SER A 470 5.50 -19.66 13.95
N PHE A 471 5.50 -18.63 13.08
CA PHE A 471 6.13 -18.76 11.77
C PHE A 471 7.63 -19.04 11.90
N THR A 472 8.31 -18.32 12.80
CA THR A 472 9.75 -18.49 12.93
C THR A 472 10.10 -19.90 13.37
N VAL A 473 9.34 -20.47 14.30
CA VAL A 473 9.60 -21.83 14.74
C VAL A 473 9.55 -22.80 13.55
N GLU A 474 8.51 -22.68 12.71
CA GLU A 474 8.41 -23.62 11.60
C GLU A 474 9.52 -23.40 10.58
N LYS A 475 9.89 -22.15 10.32
CA LYS A 475 10.93 -21.93 9.32
C LYS A 475 12.29 -22.42 9.83
N CYS A 476 12.53 -22.36 11.14
CA CYS A 476 13.73 -22.97 11.70
C CYS A 476 13.67 -24.48 11.55
N PHE A 477 12.60 -25.09 12.06
CA PHE A 477 12.36 -26.52 11.92
C PHE A 477 12.64 -27.00 10.49
N ASP A 478 12.12 -26.27 9.49
CA ASP A 478 12.33 -26.67 8.10
C ASP A 478 13.80 -26.68 7.69
N ALA A 479 14.62 -25.83 8.31
CA ALA A 479 16.04 -25.72 7.98
C ALA A 479 16.95 -26.64 8.80
N CYS A 480 16.40 -27.49 9.66
CA CYS A 480 17.18 -28.22 10.65
C CYS A 480 17.46 -29.66 10.24
N ASN A 481 18.51 -30.22 10.83
CA ASN A 481 18.73 -31.66 10.80
C ASN A 481 17.74 -32.34 11.78
N LEU A 482 17.79 -33.67 11.84
CA LEU A 482 16.89 -34.41 12.75
C LEU A 482 17.17 -34.06 14.20
N THR A 483 18.42 -33.88 14.55
CA THR A 483 18.77 -33.61 15.94
C THR A 483 18.04 -32.37 16.47
N LEU A 484 17.91 -31.34 15.64
CA LEU A 484 17.29 -30.10 16.08
C LEU A 484 15.79 -30.07 15.80
N ARG A 485 15.33 -30.84 14.81
CA ARG A 485 13.90 -31.05 14.71
C ARG A 485 13.37 -31.71 15.98
N GLU A 486 14.08 -32.72 16.49
CA GLU A 486 13.61 -33.41 17.67
C GLU A 486 13.65 -32.51 18.90
N ALA A 487 14.61 -31.58 18.95
CA ALA A 487 14.71 -30.65 20.08
C ALA A 487 13.58 -29.62 20.04
N ILE A 488 13.37 -29.00 18.87
CA ILE A 488 12.25 -28.09 18.73
C ILE A 488 10.94 -28.81 19.05
N ALA A 489 10.84 -30.08 18.65
CA ALA A 489 9.60 -30.80 18.85
C ALA A 489 9.35 -31.01 20.35
N SER A 490 10.37 -31.41 21.09
CA SER A 490 10.20 -31.59 22.52
C SER A 490 9.87 -30.27 23.22
N GLU A 491 10.42 -29.15 22.74
CA GLU A 491 10.07 -27.85 23.32
C GLU A 491 8.61 -27.51 23.07
N LEU A 492 8.16 -27.67 21.82
CA LEU A 492 6.75 -27.45 21.53
C LEU A 492 5.85 -28.38 22.31
N LEU A 493 6.38 -29.49 22.81
CA LEU A 493 5.55 -30.45 23.52
C LEU A 493 5.25 -29.99 24.94
N ASP A 494 6.25 -29.43 25.63
CA ASP A 494 6.05 -28.94 26.99
C ASP A 494 4.98 -27.86 27.06
N VAL A 495 4.58 -27.29 25.93
CA VAL A 495 3.67 -26.16 25.87
C VAL A 495 2.47 -26.47 24.99
N LYS A 496 2.21 -27.76 24.74
CA LYS A 496 1.14 -28.16 23.82
C LYS A 496 -0.20 -27.60 24.25
N VAL A 497 -0.43 -27.51 25.56
CA VAL A 497 -1.71 -27.04 26.09
C VAL A 497 -1.94 -25.57 25.71
N ASP A 498 -1.02 -24.71 26.14
CA ASP A 498 -1.13 -23.29 25.80
C ASP A 498 -1.07 -23.06 24.29
N LEU A 499 -0.22 -23.81 23.57
CA LEU A 499 -0.08 -23.58 22.14
C LEU A 499 -1.37 -23.92 21.39
N SER A 500 -2.05 -25.00 21.78
CA SER A 500 -3.30 -25.37 21.10
C SER A 500 -4.38 -24.30 21.28
N LYS A 501 -4.30 -23.54 22.38
CA LYS A 501 -5.24 -22.45 22.65
C LYS A 501 -4.76 -21.09 22.12
N THR A 502 -4.03 -21.04 21.00
CA THR A 502 -3.69 -19.80 20.30
C THR A 502 -4.15 -19.89 18.86
N LYS A 503 -3.94 -18.81 18.10
CA LYS A 503 -4.54 -18.73 16.78
C LYS A 503 -3.78 -19.59 15.76
N GLN A 504 -2.46 -19.45 15.69
CA GLN A 504 -1.69 -20.28 14.78
C GLN A 504 -1.24 -21.60 15.41
N GLY A 505 -1.34 -21.74 16.74
CA GLY A 505 -0.90 -22.91 17.47
C GLY A 505 -1.32 -24.27 16.90
N PRO A 506 -2.62 -24.48 16.69
CA PRO A 506 -3.05 -25.78 16.13
C PRO A 506 -2.43 -26.10 14.79
N TYR A 507 -2.28 -25.13 13.89
CA TYR A 507 -1.57 -25.38 12.64
C TYR A 507 -0.14 -25.84 12.91
N LEU A 508 0.58 -25.11 13.76
CA LEU A 508 1.97 -25.44 14.04
C LEU A 508 2.09 -26.84 14.65
N LEU A 509 1.18 -27.18 15.57
CA LEU A 509 1.20 -28.50 16.18
C LEU A 509 0.94 -29.59 15.16
N ARG A 510 0.13 -29.30 14.15
CA ARG A 510 -0.23 -30.26 13.13
C ARG A 510 0.85 -30.33 12.05
N LYS A 511 1.34 -29.16 11.62
CA LYS A 511 2.35 -29.11 10.57
C LYS A 511 3.64 -29.78 11.01
N LEU A 512 3.98 -29.67 12.29
CA LEU A 512 5.15 -30.33 12.82
C LEU A 512 4.83 -31.69 13.42
N ASP A 513 3.55 -32.11 13.42
CA ASP A 513 3.16 -33.46 13.84
C ASP A 513 3.56 -33.74 15.28
N ILE A 514 3.15 -32.85 16.19
CA ILE A 514 3.67 -32.96 17.55
C ILE A 514 3.02 -34.12 18.30
N ASP A 515 1.74 -34.40 18.03
CA ASP A 515 1.11 -35.57 18.64
C ASP A 515 1.82 -36.85 18.23
N GLY A 516 2.18 -36.97 16.94
CA GLY A 516 3.00 -38.09 16.50
C GLY A 516 4.30 -38.22 17.26
N TYR A 517 4.92 -37.08 17.61
CA TYR A 517 6.23 -37.13 18.27
C TYR A 517 6.11 -37.67 19.70
N ALA A 518 5.02 -37.36 20.40
CA ALA A 518 4.88 -37.80 21.79
C ALA A 518 4.41 -39.24 21.86
N SER A 519 3.58 -39.67 20.92
CA SER A 519 3.01 -41.01 20.95
C SER A 519 3.98 -42.03 20.35
N ARG A 520 4.41 -41.83 19.09
CA ARG A 520 5.32 -42.77 18.42
C ARG A 520 6.60 -42.04 18.02
N PRO A 521 7.48 -41.73 18.98
CA PRO A 521 8.74 -41.01 18.65
C PRO A 521 9.62 -41.68 17.59
N ASP A 522 9.70 -43.01 17.54
CA ASP A 522 10.54 -43.63 16.51
C ASP A 522 9.99 -43.40 15.12
N GLN A 523 8.66 -43.48 14.95
CA GLN A 523 8.07 -43.30 13.64
C GLN A 523 8.11 -41.85 13.19
N TRP A 524 7.94 -40.92 14.12
CA TRP A 524 8.09 -39.51 13.79
C TRP A 524 9.49 -39.23 13.30
N LYS A 525 10.50 -39.69 14.05
CA LYS A 525 11.90 -39.50 13.66
C LYS A 525 12.17 -40.03 12.26
N SER A 526 11.62 -41.21 11.95
CA SER A 526 11.93 -41.80 10.67
C SER A 526 11.27 -41.03 9.53
N ARG A 527 10.07 -40.47 9.75
CA ARG A 527 9.44 -39.67 8.70
C ARG A 527 10.10 -38.29 8.55
N GLN A 528 10.67 -37.73 9.62
CA GLN A 528 11.38 -36.47 9.47
C GLN A 528 12.72 -36.66 8.76
N GLU A 529 13.47 -37.71 9.09
CA GLU A 529 14.76 -37.91 8.44
C GLU A 529 14.60 -38.10 6.95
N ALA A 530 13.44 -38.60 6.50
CA ALA A 530 13.20 -38.80 5.07
C ALA A 530 12.93 -37.48 4.33
N LYS A 531 13.50 -36.37 4.83
CA LYS A 531 13.42 -35.07 4.18
C LYS A 531 14.84 -34.47 4.22
N GLN A 532 15.65 -34.81 3.23
CA GLN A 532 17.03 -34.33 3.16
C GLN A 532 17.21 -33.31 2.05
#